data_9BHS
#
_entry.id   9BHS
#
_cell.length_a   48.442
_cell.length_b   87.884
_cell.length_c   73.075
_cell.angle_alpha   90.00
_cell.angle_beta   96.75
_cell.angle_gamma   90.00
#
_symmetry.space_group_name_H-M   'P 1 21 1'
#
loop_
_entity.id
_entity.type
_entity.pdbx_description
1 polymer 'DDB1- and CUL4-associated factor 1'
2 non-polymer (4P)-N-[(1S)-3-amino-1-(3-chloro-4-fluorophenyl)-3-oxopropyl]-4-(4-chloro-2-fluorophenyl)-5-(1-methyl-1H-pyrazol-4-yl)-1H-pyrrole-3-carboxamide
3 non-polymer 'UNKNOWN LIGAND'
4 water water
#
_entity_poly.entity_id   1
_entity_poly.type   'polypeptide(L)'
_entity_poly.pdbx_seq_one_letter_code
;GASAFRPISVFREANEDESGFTCCAFSARERFLMLGTCTGQLKLYNVFSGQEEASYNCHNSAITHLEPSRDGSLLLTSAT
WSQPLSALWGMKSVFDMKHSFTEDHYVEFSKHSQDRVIGTKGDIAHIYDIQTGNKLLTLFNPDLANNYKRNCATFNPTDD
LVLNDGVLWDVRSAQAIHKFDKFNMNISGVFHPNGLEVIINTEIWDLRTFHLLHTVPALDQCRVVFNHTGTVMYGAMLQA
DDEDDLMEERMKSPFGSSFRTFNATDYKPIATIDVKRNIFDLCTDTKDCYLAVIENQGSMDALNMDTVCRLYEVG
;
_entity_poly.pdbx_strand_id   A,B
#
# COMPACT_ATOMS: atom_id res chain seq x y z
N ALA A 4 2.67 16.96 -0.62
CA ALA A 4 1.80 17.89 0.14
C ALA A 4 0.77 17.07 0.93
N PHE A 5 0.77 17.22 2.26
CA PHE A 5 -0.25 16.61 3.10
C PHE A 5 -1.50 17.45 3.07
N ARG A 6 -2.44 17.09 2.20
CA ARG A 6 -3.65 17.87 2.01
C ARG A 6 -4.72 17.48 3.01
N PRO A 7 -5.23 18.40 3.86
CA PRO A 7 -6.32 18.05 4.75
C PRO A 7 -7.55 17.55 3.99
N ILE A 8 -8.18 16.50 4.53
CA ILE A 8 -9.37 15.88 3.96
C ILE A 8 -10.56 15.99 4.91
N SER A 9 -10.32 15.70 6.18
CA SER A 9 -11.40 15.71 7.15
CA SER A 9 -11.38 15.55 7.16
C SER A 9 -10.85 15.94 8.56
N VAL A 10 -11.75 16.36 9.43
CA VAL A 10 -11.47 16.55 10.84
C VAL A 10 -12.68 16.09 11.63
N PHE A 11 -12.44 15.47 12.79
CA PHE A 11 -13.55 15.07 13.64
C PHE A 11 -13.07 14.92 15.06
N ARG A 12 -14.02 14.85 15.98
CA ARG A 12 -13.76 14.81 17.40
C ARG A 12 -14.59 13.71 18.05
N GLU A 13 -14.34 13.45 19.33
CA GLU A 13 -15.12 12.46 20.06
C GLU A 13 -16.54 12.99 20.25
N ALA A 14 -17.49 12.36 19.59
CA ALA A 14 -18.80 12.98 19.36
C ALA A 14 -19.54 13.22 20.66
N ASN A 15 -20.04 14.46 20.78
CA ASN A 15 -20.97 14.88 21.83
C ASN A 15 -20.33 14.91 23.22
N GLU A 16 -18.99 14.78 23.30
CA GLU A 16 -18.27 14.97 24.54
C GLU A 16 -17.95 16.45 24.71
N ASP A 17 -18.04 16.97 25.93
CA ASP A 17 -17.68 18.36 26.16
C ASP A 17 -16.23 18.59 25.73
N GLU A 18 -15.34 17.70 26.18
CA GLU A 18 -13.95 17.72 25.76
C GLU A 18 -13.62 16.37 25.10
N SER A 19 -13.08 16.45 23.91
CA SER A 19 -12.74 15.28 23.13
C SER A 19 -11.46 14.63 23.64
N GLY A 20 -11.51 13.30 23.80
CA GLY A 20 -10.46 12.57 24.50
C GLY A 20 -9.73 11.54 23.65
N PHE A 21 -9.73 11.70 22.32
CA PHE A 21 -8.96 10.76 21.52
C PHE A 21 -7.48 10.84 21.93
N THR A 22 -6.84 9.66 22.07
CA THR A 22 -5.42 9.58 22.45
C THR A 22 -4.55 8.82 21.46
N CYS A 23 -5.12 7.89 20.70
CA CYS A 23 -4.33 7.05 19.82
C CYS A 23 -5.23 6.51 18.71
N CYS A 24 -4.62 6.00 17.65
CA CYS A 24 -5.40 5.54 16.50
C CYS A 24 -4.66 4.51 15.66
N ALA A 25 -5.49 3.73 14.96
CA ALA A 25 -5.03 2.79 13.94
C ALA A 25 -6.19 2.49 13.01
N PHE A 26 -5.93 2.36 11.71
CA PHE A 26 -6.99 1.98 10.82
C PHE A 26 -7.42 0.53 11.09
N SER A 27 -8.73 0.31 10.99
CA SER A 27 -9.31 -1.02 11.10
C SER A 27 -9.11 -1.77 9.78
N ALA A 28 -9.61 -3.00 9.74
CA ALA A 28 -9.56 -3.82 8.55
C ALA A 28 -10.56 -3.32 7.51
N ARG A 29 -11.52 -2.49 7.92
CA ARG A 29 -12.52 -1.96 7.00
C ARG A 29 -12.13 -0.58 6.51
N GLU A 30 -12.16 -0.42 5.18
CA GLU A 30 -11.93 0.87 4.54
C GLU A 30 -12.91 1.89 5.12
N ARG A 31 -12.37 3.05 5.41
CA ARG A 31 -13.14 4.19 5.86
C ARG A 31 -13.25 4.23 7.39
N PHE A 32 -12.82 3.18 8.12
CA PHE A 32 -13.05 3.14 9.58
C PHE A 32 -11.75 3.10 10.38
N LEU A 33 -11.63 4.06 11.27
CA LEU A 33 -10.51 4.22 12.18
C LEU A 33 -10.89 3.79 13.58
N MET A 34 -9.95 3.10 14.26
CA MET A 34 -10.06 2.76 15.67
C MET A 34 -9.30 3.80 16.48
N LEU A 35 -9.94 4.35 17.53
CA LEU A 35 -9.31 5.34 18.37
C LEU A 35 -9.48 4.93 19.82
N GLY A 36 -8.40 5.06 20.59
CA GLY A 36 -8.47 4.97 22.02
C GLY A 36 -8.74 6.33 22.63
N THR A 37 -9.26 6.31 23.85
CA THR A 37 -9.58 7.57 24.51
C THR A 37 -8.97 7.68 25.90
N CYS A 38 -9.00 8.90 26.43
CA CYS A 38 -8.42 9.18 27.72
C CYS A 38 -9.26 8.64 28.88
N THR A 39 -10.48 8.12 28.61
CA THR A 39 -11.28 7.47 29.63
C THR A 39 -11.29 5.95 29.46
N GLY A 40 -10.48 5.44 28.53
CA GLY A 40 -10.23 4.01 28.44
C GLY A 40 -11.15 3.27 27.45
N GLN A 41 -11.78 4.00 26.55
CA GLN A 41 -12.68 3.40 25.57
C GLN A 41 -11.98 3.24 24.23
N LEU A 42 -12.47 2.27 23.45
CA LEU A 42 -12.14 2.09 22.05
C LEU A 42 -13.33 2.55 21.24
N LYS A 43 -13.09 3.43 20.27
CA LYS A 43 -14.14 3.91 19.40
C LYS A 43 -13.83 3.55 17.95
N LEU A 44 -14.88 3.27 17.18
CA LEU A 44 -14.76 3.11 15.72
C LEU A 44 -15.48 4.28 15.07
N TYR A 45 -14.76 5.01 14.21
CA TYR A 45 -15.26 6.19 13.51
C TYR A 45 -15.12 6.04 12.00
N ASN A 46 -16.12 6.53 11.27
CA ASN A 46 -15.98 6.78 9.85
C ASN A 46 -15.13 8.04 9.66
N VAL A 47 -13.95 7.91 9.02
CA VAL A 47 -12.99 9.01 8.95
C VAL A 47 -13.44 10.13 8.02
N PHE A 48 -14.34 9.82 7.09
CA PHE A 48 -14.82 10.82 6.13
C PHE A 48 -16.01 11.60 6.67
N SER A 49 -17.00 10.89 7.23
CA SER A 49 -18.18 11.54 7.80
C SER A 49 -17.91 12.08 9.19
N GLY A 50 -16.91 11.52 9.88
CA GLY A 50 -16.57 11.93 11.22
C GLY A 50 -17.52 11.38 12.28
N GLN A 51 -18.37 10.42 11.89
CA GLN A 51 -19.38 9.91 12.80
C GLN A 51 -18.91 8.66 13.53
N GLU A 52 -19.31 8.56 14.79
CA GLU A 52 -19.05 7.38 15.61
C GLU A 52 -19.93 6.23 15.15
N GLU A 53 -19.31 5.05 15.02
CA GLU A 53 -20.05 3.82 14.70
C GLU A 53 -20.29 3.00 15.97
N ALA A 54 -19.24 2.79 16.78
CA ALA A 54 -19.30 1.88 17.90
C ALA A 54 -18.32 2.31 18.98
N SER A 55 -18.58 1.87 20.20
CA SER A 55 -17.74 2.13 21.36
C SER A 55 -17.68 0.88 22.22
N TYR A 56 -16.48 0.62 22.75
CA TYR A 56 -16.21 -0.51 23.64
C TYR A 56 -15.40 -0.05 24.84
N ASN A 57 -15.59 -0.72 25.97
CA ASN A 57 -14.90 -0.37 27.21
C ASN A 57 -13.70 -1.27 27.37
N CYS A 58 -12.51 -0.66 27.48
CA CYS A 58 -11.26 -1.44 27.54
C CYS A 58 -10.53 -1.31 28.87
N HIS A 59 -10.37 -0.08 29.37
CA HIS A 59 -9.56 0.18 30.56
C HIS A 59 -10.21 1.27 31.41
N ASN A 60 -9.79 1.38 32.68
N ASN A 60 -9.79 1.35 32.68
CA ASN A 60 -10.31 2.41 33.59
CA ASN A 60 -10.26 2.38 33.61
C ASN A 60 -9.40 3.63 33.62
C ASN A 60 -9.21 3.48 33.76
N SER A 61 -8.44 3.70 32.68
CA SER A 61 -7.54 4.85 32.55
C SER A 61 -7.25 5.06 31.06
N ALA A 62 -6.54 6.16 30.74
CA ALA A 62 -6.31 6.56 29.36
C ALA A 62 -5.60 5.44 28.58
N ILE A 63 -6.09 5.20 27.36
CA ILE A 63 -5.38 4.32 26.45
C ILE A 63 -4.22 5.12 25.85
N THR A 64 -3.01 4.58 25.92
CA THR A 64 -1.85 5.25 25.37
C THR A 64 -1.56 4.82 23.93
N HIS A 65 -1.85 3.56 23.59
CA HIS A 65 -1.44 3.01 22.31
C HIS A 65 -2.32 1.80 22.01
N LEU A 66 -2.55 1.53 20.72
CA LEU A 66 -3.29 0.33 20.35
C LEU A 66 -2.77 -0.19 19.01
N GLU A 67 -3.03 -1.47 18.74
CA GLU A 67 -2.57 -2.10 17.51
C GLU A 67 -3.52 -3.22 17.16
N PRO A 68 -4.26 -3.12 16.04
CA PRO A 68 -5.05 -4.25 15.53
C PRO A 68 -4.18 -5.25 14.80
N SER A 69 -4.53 -6.53 14.88
CA SER A 69 -3.92 -7.53 14.03
C SER A 69 -4.37 -7.29 12.59
N ARG A 70 -3.54 -7.70 11.64
CA ARG A 70 -3.82 -7.46 10.24
C ARG A 70 -5.07 -8.20 9.79
N ASP A 71 -5.38 -9.34 10.42
CA ASP A 71 -6.51 -10.16 9.99
C ASP A 71 -7.84 -9.67 10.59
N GLY A 72 -7.77 -8.67 11.50
CA GLY A 72 -8.98 -8.04 12.04
C GLY A 72 -9.55 -8.75 13.26
N SER A 73 -8.89 -9.83 13.72
CA SER A 73 -9.47 -10.70 14.73
C SER A 73 -9.11 -10.26 16.14
N LEU A 74 -7.97 -9.54 16.29
CA LEU A 74 -7.42 -9.22 17.60
C LEU A 74 -7.00 -7.76 17.68
N LEU A 75 -6.94 -7.26 18.91
CA LEU A 75 -6.51 -5.91 19.19
C LEU A 75 -5.68 -5.89 20.46
N LEU A 76 -4.55 -5.20 20.41
CA LEU A 76 -3.78 -4.87 21.61
C LEU A 76 -4.07 -3.44 22.04
N THR A 77 -4.23 -3.24 23.35
CA THR A 77 -4.30 -1.92 23.96
C THR A 77 -3.34 -1.82 25.14
N SER A 78 -2.88 -0.59 25.39
N SER A 78 -2.84 -0.59 25.38
CA SER A 78 -2.11 -0.26 26.56
CA SER A 78 -2.08 -0.29 26.58
C SER A 78 -2.69 0.96 27.24
C SER A 78 -2.66 0.96 27.23
N ALA A 79 -2.63 1.00 28.58
CA ALA A 79 -3.23 2.09 29.36
C ALA A 79 -2.19 2.72 30.30
N THR A 80 -2.64 3.72 31.08
N THR A 80 -2.61 3.74 31.07
CA THR A 80 -1.72 4.56 31.83
CA THR A 80 -1.67 4.54 31.84
C THR A 80 -1.51 4.01 33.25
C THR A 80 -1.50 4.03 33.27
N TRP A 81 -2.61 3.71 33.94
CA TRP A 81 -2.56 3.40 35.38
C TRP A 81 -3.26 2.08 35.70
N SER A 82 -3.98 1.54 34.72
CA SER A 82 -4.89 0.44 34.97
C SER A 82 -4.15 -0.82 35.35
N GLN A 83 -4.90 -1.76 35.95
N GLN A 83 -4.89 -1.76 35.95
CA GLN A 83 -4.43 -3.12 36.18
CA GLN A 83 -4.43 -3.12 36.18
C GLN A 83 -5.49 -4.06 35.63
C GLN A 83 -5.48 -4.08 35.63
N PRO A 84 -5.26 -4.73 34.47
CA PRO A 84 -3.97 -4.76 33.76
C PRO A 84 -3.59 -3.55 32.91
N LEU A 85 -2.28 -3.35 32.74
CA LEU A 85 -1.79 -2.20 31.96
C LEU A 85 -2.03 -2.42 30.47
N SER A 86 -1.87 -3.66 29.98
CA SER A 86 -2.13 -3.94 28.58
C SER A 86 -3.03 -5.16 28.46
N ALA A 87 -3.70 -5.29 27.31
CA ALA A 87 -4.63 -6.37 27.10
C ALA A 87 -4.75 -6.72 25.62
N LEU A 88 -5.21 -7.96 25.38
CA LEU A 88 -5.51 -8.49 24.07
C LEU A 88 -7.00 -8.76 24.00
N TRP A 89 -7.65 -8.22 22.95
CA TRP A 89 -9.09 -8.30 22.77
C TRP A 89 -9.40 -9.08 21.51
N GLY A 90 -10.44 -9.92 21.60
CA GLY A 90 -11.00 -10.55 20.44
C GLY A 90 -12.09 -9.67 19.85
N MET A 91 -12.13 -9.61 18.51
CA MET A 91 -13.09 -8.76 17.83
C MET A 91 -13.94 -9.56 16.85
N LYS A 92 -13.96 -10.90 16.99
CA LYS A 92 -14.82 -11.76 16.18
C LYS A 92 -16.09 -12.11 16.97
N SER A 93 -17.26 -11.78 16.42
CA SER A 93 -18.54 -12.18 16.98
C SER A 93 -18.93 -11.25 18.14
N VAL A 94 -18.11 -11.24 19.20
CA VAL A 94 -18.31 -10.34 20.33
C VAL A 94 -16.96 -9.74 20.70
N PHE A 95 -16.95 -8.50 21.17
CA PHE A 95 -15.73 -7.88 21.66
C PHE A 95 -15.51 -8.33 23.10
N ASP A 96 -14.39 -9.00 23.35
CA ASP A 96 -14.13 -9.59 24.67
C ASP A 96 -12.65 -9.59 24.94
N MET A 97 -12.28 -9.61 26.23
CA MET A 97 -10.88 -9.68 26.58
C MET A 97 -10.43 -11.14 26.47
N LYS A 98 -9.37 -11.37 25.70
CA LYS A 98 -8.82 -12.71 25.53
C LYS A 98 -7.77 -12.96 26.61
N HIS A 99 -6.80 -12.05 26.73
CA HIS A 99 -5.76 -12.16 27.73
C HIS A 99 -5.32 -10.78 28.19
N SER A 100 -4.65 -10.73 29.34
CA SER A 100 -4.08 -9.48 29.79
C SER A 100 -2.60 -9.65 30.13
N PHE A 101 -1.92 -8.50 30.17
CA PHE A 101 -0.49 -8.38 30.44
C PHE A 101 -0.36 -7.32 31.53
N THR A 102 -0.40 -7.76 32.81
N THR A 102 -0.40 -7.80 32.80
CA THR A 102 -0.72 -6.86 33.91
CA THR A 102 -0.62 -6.97 33.98
C THR A 102 0.34 -5.75 34.07
C THR A 102 0.33 -5.78 34.01
N GLU A 103 1.64 -6.05 33.91
CA GLU A 103 2.66 -5.04 34.20
C GLU A 103 3.35 -4.47 32.96
N ASP A 104 2.92 -4.85 31.75
CA ASP A 104 3.55 -4.31 30.56
C ASP A 104 2.85 -3.02 30.12
N HIS A 105 3.59 -1.90 30.03
N HIS A 105 3.67 -1.94 30.01
CA HIS A 105 2.94 -0.64 29.67
CA HIS A 105 3.24 -0.61 29.64
C HIS A 105 2.94 -0.42 28.15
C HIS A 105 3.02 -0.49 28.13
N TYR A 106 3.55 -1.34 27.40
N TYR A 106 3.76 -1.27 27.33
CA TYR A 106 3.57 -1.28 25.95
CA TYR A 106 3.66 -1.26 25.88
C TYR A 106 3.58 -2.71 25.43
C TYR A 106 3.58 -2.71 25.43
N VAL A 107 2.80 -2.97 24.37
CA VAL A 107 2.74 -4.29 23.75
C VAL A 107 2.70 -4.12 22.23
N GLU A 108 3.27 -5.11 21.52
CA GLU A 108 3.20 -5.21 20.07
C GLU A 108 2.96 -6.65 19.66
N PHE A 109 2.34 -6.85 18.49
CA PHE A 109 2.27 -8.17 17.89
C PHE A 109 3.64 -8.53 17.26
N SER A 110 3.90 -9.83 17.20
CA SER A 110 4.88 -10.32 16.25
C SER A 110 4.48 -9.92 14.83
N LYS A 111 5.43 -9.97 13.89
CA LYS A 111 5.30 -9.26 12.63
C LYS A 111 4.90 -10.14 11.44
N HIS A 112 5.53 -11.28 11.28
CA HIS A 112 5.23 -12.10 10.11
C HIS A 112 3.99 -12.94 10.37
N SER A 113 4.08 -13.81 11.38
N SER A 113 4.07 -13.84 11.36
CA SER A 113 2.95 -14.57 11.89
CA SER A 113 2.92 -14.54 11.86
C SER A 113 2.58 -13.96 13.24
C SER A 113 2.57 -13.94 13.21
N GLN A 114 1.34 -13.47 13.35
CA GLN A 114 0.92 -12.71 14.52
C GLN A 114 0.36 -13.65 15.58
N ASP A 115 1.22 -14.52 16.08
CA ASP A 115 0.86 -15.52 17.05
C ASP A 115 1.46 -15.22 18.43
N ARG A 116 2.22 -14.12 18.55
CA ARG A 116 2.85 -13.77 19.80
C ARG A 116 2.66 -12.28 20.05
N VAL A 117 2.78 -11.91 21.32
CA VAL A 117 2.79 -10.53 21.79
C VAL A 117 4.11 -10.31 22.51
N ILE A 118 4.75 -9.17 22.25
CA ILE A 118 5.90 -8.75 23.04
C ILE A 118 5.51 -7.53 23.86
N GLY A 119 5.69 -7.63 25.18
CA GLY A 119 5.41 -6.54 26.10
C GLY A 119 6.68 -5.99 26.68
N THR A 120 6.63 -4.72 27.08
CA THR A 120 7.73 -4.03 27.69
C THR A 120 7.31 -3.55 29.08
N LYS A 121 8.18 -3.82 30.05
CA LYS A 121 8.13 -3.24 31.38
C LYS A 121 9.49 -2.64 31.65
N GLY A 122 9.59 -1.31 31.65
CA GLY A 122 10.90 -0.69 31.79
C GLY A 122 11.86 -1.23 30.72
N ASP A 123 13.00 -1.77 31.17
CA ASP A 123 14.03 -2.29 30.26
C ASP A 123 13.90 -3.80 30.08
N ILE A 124 12.74 -4.37 30.41
CA ILE A 124 12.51 -5.80 30.35
C ILE A 124 11.51 -6.11 29.24
N ALA A 125 11.77 -7.16 28.48
CA ALA A 125 10.80 -7.65 27.51
C ALA A 125 10.19 -8.96 27.99
N HIS A 126 8.90 -9.15 27.67
CA HIS A 126 8.14 -10.34 27.95
C HIS A 126 7.49 -10.81 26.65
N ILE A 127 7.66 -12.07 26.29
CA ILE A 127 7.04 -12.63 25.10
C ILE A 127 5.94 -13.58 25.54
N TYR A 128 4.74 -13.41 24.97
CA TYR A 128 3.58 -14.20 25.32
C TYR A 128 3.01 -14.92 24.08
N ASP A 129 2.45 -16.10 24.36
CA ASP A 129 1.70 -16.84 23.36
C ASP A 129 0.27 -16.31 23.30
N ILE A 130 -0.24 -16.03 22.10
CA ILE A 130 -1.58 -15.48 21.97
C ILE A 130 -2.65 -16.49 22.39
N GLN A 131 -2.45 -17.76 22.06
CA GLN A 131 -3.45 -18.78 22.33
C GLN A 131 -3.68 -18.96 23.84
N THR A 132 -2.59 -19.24 24.56
CA THR A 132 -2.67 -19.57 25.98
C THR A 132 -2.61 -18.31 26.85
N GLY A 133 -1.99 -17.23 26.34
CA GLY A 133 -1.69 -16.06 27.14
C GLY A 133 -0.42 -16.25 28.00
N ASN A 134 0.21 -17.42 27.91
CA ASN A 134 1.34 -17.76 28.77
C ASN A 134 2.56 -16.92 28.40
N LYS A 135 3.30 -16.52 29.42
CA LYS A 135 4.59 -15.86 29.23
C LYS A 135 5.61 -16.93 28.85
N LEU A 136 6.12 -16.84 27.62
CA LEU A 136 7.10 -17.82 27.12
C LEU A 136 8.51 -17.45 27.57
N LEU A 137 8.83 -16.15 27.58
CA LEU A 137 10.19 -15.68 27.82
C LEU A 137 10.16 -14.33 28.52
N THR A 138 11.16 -14.12 29.39
CA THR A 138 11.57 -12.82 29.87
C THR A 138 12.97 -12.56 29.34
N LEU A 139 13.16 -11.39 28.68
CA LEU A 139 14.45 -11.04 28.11
C LEU A 139 15.01 -9.85 28.89
N PHE A 140 16.08 -10.13 29.63
CA PHE A 140 16.81 -9.10 30.35
C PHE A 140 18.16 -9.67 30.75
N ASN A 141 19.22 -8.98 30.35
N ASN A 141 19.22 -8.97 30.34
CA ASN A 141 20.57 -9.37 30.72
CA ASN A 141 20.59 -9.36 30.68
C ASN A 141 21.24 -8.18 31.40
C ASN A 141 21.25 -8.17 31.39
N PRO A 142 21.53 -8.27 32.70
CA PRO A 142 22.08 -7.13 33.46
C PRO A 142 23.44 -6.69 32.95
N ASP A 143 24.17 -7.65 32.37
CA ASP A 143 25.51 -7.42 31.88
C ASP A 143 25.47 -6.52 30.63
N LEU A 144 24.36 -6.51 29.87
CA LEU A 144 24.30 -5.88 28.54
C LEU A 144 23.31 -4.70 28.46
N ALA A 145 22.63 -4.41 29.53
CA ALA A 145 21.57 -3.42 29.50
C ALA A 145 22.10 -2.02 29.14
N ASN A 146 21.32 -1.29 28.32
CA ASN A 146 21.54 0.12 28.06
C ASN A 146 20.77 1.02 29.03
N ASN A 147 19.76 0.47 29.71
CA ASN A 147 18.94 1.23 30.66
C ASN A 147 18.28 2.44 30.01
N TYR A 148 17.79 2.27 28.76
CA TYR A 148 17.06 3.34 28.10
C TYR A 148 15.78 3.69 28.84
N LYS A 149 15.48 5.00 28.92
CA LYS A 149 14.37 5.48 29.74
C LYS A 149 13.00 5.36 29.04
N ARG A 150 13.01 5.24 27.70
CA ARG A 150 11.77 5.07 26.94
C ARG A 150 11.84 3.82 26.07
N ASN A 151 12.28 2.74 26.68
CA ASN A 151 12.43 1.48 25.99
C ASN A 151 11.09 0.94 25.47
N CYS A 152 11.12 0.30 24.30
N CYS A 152 11.16 0.34 24.28
CA CYS A 152 9.96 -0.38 23.73
CA CYS A 152 10.08 -0.42 23.72
C CYS A 152 10.45 -1.59 22.91
C CYS A 152 10.66 -1.62 23.02
N ALA A 153 10.26 -2.80 23.45
CA ALA A 153 10.77 -4.03 22.85
C ALA A 153 9.95 -4.36 21.60
N THR A 154 10.59 -4.98 20.60
CA THR A 154 9.99 -5.17 19.30
C THR A 154 10.60 -6.38 18.58
N PHE A 155 9.78 -7.08 17.81
CA PHE A 155 10.23 -8.13 16.91
C PHE A 155 10.73 -7.55 15.59
N ASN A 156 11.65 -8.30 14.94
CA ASN A 156 12.07 -7.97 13.58
C ASN A 156 11.04 -8.54 12.57
N PRO A 157 11.13 -8.19 11.28
CA PRO A 157 10.10 -8.58 10.31
C PRO A 157 9.81 -10.07 10.18
N THR A 158 10.80 -10.94 10.47
CA THR A 158 10.64 -12.38 10.36
C THR A 158 10.48 -13.05 11.72
N ASP A 159 10.40 -12.25 12.79
CA ASP A 159 10.13 -12.73 14.16
C ASP A 159 11.26 -13.60 14.71
N ASP A 160 12.45 -13.57 14.10
CA ASP A 160 13.57 -14.35 14.61
C ASP A 160 14.31 -13.64 15.73
N LEU A 161 14.27 -12.30 15.70
CA LEU A 161 15.03 -11.46 16.59
C LEU A 161 14.11 -10.51 17.33
N VAL A 162 14.58 -10.10 18.51
CA VAL A 162 13.97 -9.03 19.27
C VAL A 162 15.03 -7.99 19.57
N LEU A 163 14.61 -6.72 19.51
CA LEU A 163 15.41 -5.63 20.01
C LEU A 163 14.76 -5.17 21.32
N ASN A 164 15.51 -5.25 22.42
CA ASN A 164 15.05 -4.77 23.72
C ASN A 164 16.17 -3.99 24.36
N ASP A 165 15.93 -2.72 24.69
CA ASP A 165 16.92 -1.92 25.39
C ASP A 165 18.23 -1.86 24.59
N GLY A 166 18.14 -1.80 23.27
CA GLY A 166 19.31 -1.72 22.40
C GLY A 166 20.12 -3.01 22.32
N VAL A 167 19.57 -4.13 22.84
CA VAL A 167 20.19 -5.44 22.77
C VAL A 167 19.38 -6.30 21.81
N LEU A 168 20.11 -6.97 20.93
CA LEU A 168 19.56 -7.89 19.96
C LEU A 168 19.55 -9.29 20.56
N TRP A 169 18.38 -9.93 20.53
CA TRP A 169 18.17 -11.26 21.08
C TRP A 169 17.76 -12.24 19.99
N ASP A 170 18.32 -13.45 20.04
N ASP A 170 18.30 -13.45 20.09
CA ASP A 170 17.81 -14.57 19.27
CA ASP A 170 17.85 -14.61 19.35
C ASP A 170 16.66 -15.19 20.05
C ASP A 170 16.66 -15.21 20.08
N VAL A 171 15.45 -15.11 19.51
CA VAL A 171 14.25 -15.53 20.23
C VAL A 171 14.27 -17.04 20.51
N ARG A 172 14.78 -17.83 19.57
CA ARG A 172 14.74 -19.29 19.71
C ARG A 172 15.62 -19.77 20.84
N SER A 173 16.82 -19.18 20.96
CA SER A 173 17.77 -19.60 21.98
C SER A 173 17.60 -18.79 23.27
N ALA A 174 16.81 -17.69 23.19
CA ALA A 174 16.64 -16.75 24.30
C ALA A 174 17.99 -16.20 24.77
N GLN A 175 18.89 -15.91 23.82
CA GLN A 175 20.23 -15.43 24.12
C GLN A 175 20.46 -14.09 23.44
N ALA A 176 21.12 -13.18 24.17
CA ALA A 176 21.54 -11.92 23.62
C ALA A 176 22.70 -12.16 22.67
N ILE A 177 22.62 -11.61 21.45
CA ILE A 177 23.67 -11.87 20.49
C ILE A 177 24.50 -10.62 20.21
N HIS A 178 24.00 -9.43 20.57
CA HIS A 178 24.76 -8.20 20.37
C HIS A 178 24.13 -7.08 21.18
N LYS A 179 24.95 -6.25 21.82
CA LYS A 179 24.50 -5.01 22.43
C LYS A 179 24.98 -3.85 21.58
N PHE A 180 24.05 -3.03 21.11
CA PHE A 180 24.40 -1.82 20.39
C PHE A 180 24.81 -0.75 21.39
N ASP A 181 25.91 -0.06 21.06
CA ASP A 181 26.48 0.99 21.87
C ASP A 181 25.45 2.11 22.13
N LYS A 182 25.53 2.73 23.31
CA LYS A 182 24.57 3.74 23.72
C LYS A 182 25.01 5.13 23.30
N PHE A 183 24.09 5.88 22.68
CA PHE A 183 24.36 7.25 22.22
C PHE A 183 23.36 8.27 22.77
N ASN A 184 22.29 7.80 23.44
CA ASN A 184 21.26 8.70 23.96
C ASN A 184 20.62 8.07 25.19
N MET A 185 19.86 8.85 25.95
CA MET A 185 19.30 8.42 27.23
C MET A 185 18.00 7.62 27.09
N ASN A 186 17.25 7.80 25.97
CA ASN A 186 15.82 7.47 25.96
C ASN A 186 15.42 6.40 24.94
N ILE A 187 15.80 6.61 23.67
CA ILE A 187 15.25 5.84 22.55
C ILE A 187 16.04 4.54 22.35
N SER A 188 15.32 3.41 22.27
CA SER A 188 15.90 2.07 22.23
C SER A 188 15.94 1.48 20.82
N GLY A 189 15.07 1.93 19.90
CA GLY A 189 15.23 1.59 18.49
C GLY A 189 14.20 0.60 17.94
N VAL A 190 14.21 0.50 16.61
CA VAL A 190 13.30 -0.33 15.86
C VAL A 190 14.08 -1.01 14.74
N PHE A 191 13.47 -2.05 14.16
CA PHE A 191 13.98 -2.65 12.93
C PHE A 191 13.39 -1.94 11.73
N HIS A 192 14.23 -1.72 10.71
CA HIS A 192 13.74 -1.30 9.42
C HIS A 192 12.97 -2.46 8.78
N PRO A 193 11.83 -2.22 8.10
CA PRO A 193 11.09 -3.30 7.45
C PRO A 193 11.87 -4.01 6.34
N ASN A 194 12.98 -3.42 5.88
CA ASN A 194 13.81 -4.08 4.87
C ASN A 194 14.50 -5.32 5.45
N GLY A 195 14.52 -5.47 6.78
CA GLY A 195 15.10 -6.66 7.41
C GLY A 195 16.63 -6.62 7.56
N LEU A 196 17.27 -5.54 7.10
CA LEU A 196 18.72 -5.48 7.03
C LEU A 196 19.34 -4.50 8.02
N GLU A 197 18.53 -3.54 8.54
CA GLU A 197 19.06 -2.43 9.31
C GLU A 197 18.28 -2.28 10.60
N VAL A 198 18.96 -1.75 11.62
CA VAL A 198 18.38 -1.39 12.92
C VAL A 198 18.54 0.12 13.07
N ILE A 199 17.46 0.80 13.50
CA ILE A 199 17.42 2.25 13.61
C ILE A 199 17.31 2.55 15.10
N ILE A 200 18.39 3.05 15.71
CA ILE A 200 18.38 3.34 17.13
C ILE A 200 18.67 4.81 17.31
N ASN A 201 17.61 5.59 17.53
CA ASN A 201 17.75 7.03 17.62
C ASN A 201 18.38 7.53 16.32
N THR A 202 19.54 8.24 16.40
CA THR A 202 20.16 8.80 15.21
C THR A 202 21.09 7.80 14.51
N GLU A 203 21.30 6.60 15.07
CA GLU A 203 22.26 5.64 14.51
C GLU A 203 21.54 4.58 13.67
N ILE A 204 22.07 4.32 12.46
CA ILE A 204 21.58 3.25 11.60
C ILE A 204 22.65 2.18 11.56
N TRP A 205 22.31 0.98 12.06
CA TRP A 205 23.25 -0.13 12.15
C TRP A 205 22.91 -1.20 11.11
N ASP A 206 23.95 -1.83 10.58
CA ASP A 206 23.82 -3.03 9.76
C ASP A 206 23.60 -4.23 10.67
N LEU A 207 22.54 -4.99 10.43
CA LEU A 207 22.13 -6.06 11.32
C LEU A 207 23.08 -7.26 11.25
N ARG A 208 23.71 -7.47 10.09
CA ARG A 208 24.54 -8.64 9.85
C ARG A 208 25.94 -8.43 10.44
N THR A 209 26.50 -7.21 10.24
CA THR A 209 27.92 -6.93 10.55
C THR A 209 28.06 -6.11 11.82
N PHE A 210 26.99 -5.43 12.20
CA PHE A 210 26.94 -4.54 13.36
C PHE A 210 27.72 -3.24 13.10
N HIS A 211 28.04 -2.96 11.83
CA HIS A 211 28.68 -1.72 11.43
C HIS A 211 27.68 -0.56 11.49
N LEU A 212 28.16 0.62 11.89
CA LEU A 212 27.42 1.86 11.78
C LEU A 212 27.41 2.30 10.32
N LEU A 213 26.19 2.38 9.75
CA LEU A 213 26.00 2.68 8.34
C LEU A 213 25.78 4.17 8.13
N HIS A 214 24.94 4.80 8.98
CA HIS A 214 24.61 6.20 8.79
C HIS A 214 24.27 6.84 10.13
N THR A 215 24.37 8.17 10.16
CA THR A 215 23.88 8.98 11.26
C THR A 215 22.81 9.90 10.68
N VAL A 216 21.63 9.96 11.33
CA VAL A 216 20.53 10.81 10.91
C VAL A 216 20.14 11.71 12.07
N PRO A 217 20.76 12.89 12.23
CA PRO A 217 20.52 13.74 13.40
C PRO A 217 19.06 14.12 13.66
N ALA A 218 18.27 14.26 12.60
CA ALA A 218 16.88 14.71 12.73
C ALA A 218 16.00 13.67 13.42
N LEU A 219 16.50 12.42 13.58
CA LEU A 219 15.73 11.38 14.25
C LEU A 219 15.87 11.45 15.78
N ASP A 220 16.66 12.38 16.31
CA ASP A 220 16.92 12.43 17.74
C ASP A 220 15.60 12.52 18.50
N GLN A 221 15.43 11.59 19.46
CA GLN A 221 14.32 11.53 20.40
C GLN A 221 12.99 11.22 19.70
N CYS A 222 13.04 10.67 18.49
CA CYS A 222 11.82 10.35 17.75
C CYS A 222 11.35 8.93 17.96
N ARG A 223 10.02 8.78 18.04
CA ARG A 223 9.36 7.53 17.68
C ARG A 223 9.16 7.54 16.17
N VAL A 224 9.18 6.35 15.56
CA VAL A 224 9.12 6.21 14.12
C VAL A 224 8.06 5.17 13.75
N VAL A 225 7.45 5.41 12.60
CA VAL A 225 6.58 4.43 11.99
C VAL A 225 6.76 4.54 10.49
N PHE A 226 6.73 3.39 9.81
CA PHE A 226 6.81 3.38 8.36
C PHE A 226 5.40 3.26 7.78
N ASN A 227 5.23 3.74 6.55
CA ASN A 227 4.04 3.38 5.81
C ASN A 227 4.09 1.87 5.53
N HIS A 228 2.93 1.30 5.15
CA HIS A 228 2.85 -0.15 4.99
C HIS A 228 3.76 -0.66 3.87
N THR A 229 3.91 0.14 2.82
CA THR A 229 4.71 -0.26 1.67
C THR A 229 6.22 -0.08 1.95
N GLY A 230 6.60 0.54 3.07
CA GLY A 230 8.00 0.63 3.48
C GLY A 230 8.80 1.64 2.67
N THR A 231 8.15 2.68 2.12
CA THR A 231 8.85 3.69 1.33
C THR A 231 9.08 4.99 2.10
N VAL A 232 8.30 5.23 3.15
CA VAL A 232 8.37 6.49 3.88
C VAL A 232 8.45 6.16 5.36
N MET A 233 9.35 6.86 6.06
CA MET A 233 9.45 6.78 7.50
C MET A 233 8.99 8.11 8.11
N TYR A 234 8.09 8.02 9.11
CA TYR A 234 7.60 9.15 9.87
C TYR A 234 8.26 9.14 11.24
N GLY A 235 8.75 10.30 11.68
CA GLY A 235 9.32 10.44 13.00
C GLY A 235 8.73 11.67 13.70
N ALA A 236 8.50 11.57 15.00
CA ALA A 236 8.08 12.73 15.77
C ALA A 236 8.82 12.72 17.08
N MET A 237 9.25 13.90 17.52
CA MET A 237 10.11 14.00 18.68
C MET A 237 9.24 13.93 19.93
N LEU A 238 9.65 13.11 20.89
CA LEU A 238 8.98 13.06 22.18
C LEU A 238 9.06 14.43 22.86
N GLN A 239 8.05 14.70 23.68
CA GLN A 239 8.15 15.77 24.67
C GLN A 239 9.12 15.31 25.76
N ALA A 240 9.96 16.23 26.24
CA ALA A 240 10.84 15.93 27.37
C ALA A 240 10.07 16.03 28.68
N ARG A 250 -3.03 13.37 34.84
CA ARG A 250 -3.65 13.11 33.52
C ARG A 250 -2.59 13.09 32.44
N MET A 251 -2.93 12.45 31.33
CA MET A 251 -2.03 12.17 30.24
C MET A 251 -1.60 13.49 29.56
N LYS A 252 -0.28 13.72 29.47
CA LYS A 252 0.30 14.83 28.70
C LYS A 252 0.61 14.31 27.29
N SER A 253 0.73 15.22 26.31
N SER A 253 0.74 15.24 26.33
CA SER A 253 0.96 14.79 24.93
CA SER A 253 1.02 14.84 24.95
C SER A 253 2.32 14.12 24.84
C SER A 253 2.33 14.09 24.90
N PRO A 254 2.40 12.94 24.22
CA PRO A 254 3.67 12.27 24.04
C PRO A 254 4.64 13.02 23.13
N PHE A 255 4.12 13.75 22.14
CA PHE A 255 4.94 14.43 21.15
C PHE A 255 4.75 15.94 21.19
N GLY A 256 5.69 16.64 20.55
CA GLY A 256 5.53 18.05 20.25
C GLY A 256 4.60 18.26 19.08
N SER A 257 4.81 19.35 18.35
CA SER A 257 3.83 19.80 17.37
C SER A 257 4.27 19.50 15.92
N SER A 258 5.37 18.76 15.77
N SER A 258 5.39 18.80 15.76
CA SER A 258 5.92 18.52 14.44
CA SER A 258 5.93 18.55 14.43
C SER A 258 6.16 17.03 14.24
C SER A 258 6.21 17.06 14.24
N PHE A 259 6.12 16.64 12.97
CA PHE A 259 6.63 15.34 12.55
C PHE A 259 7.45 15.55 11.28
N ARG A 260 8.26 14.55 10.98
CA ARG A 260 9.21 14.62 9.89
C ARG A 260 9.06 13.34 9.06
N THR A 261 9.24 13.46 7.74
CA THR A 261 9.25 12.28 6.88
C THR A 261 10.61 12.15 6.24
N PHE A 262 10.96 10.89 6.01
CA PHE A 262 12.23 10.50 5.41
C PHE A 262 11.98 9.42 4.36
N ASN A 263 12.79 9.43 3.31
CA ASN A 263 12.80 8.35 2.34
C ASN A 263 13.38 7.12 3.01
N ALA A 264 12.60 6.03 3.06
CA ALA A 264 13.01 4.82 3.77
C ALA A 264 14.19 4.12 3.08
N THR A 265 14.42 4.40 1.79
CA THR A 265 15.44 3.69 1.04
C THR A 265 16.83 4.31 1.28
N ASP A 266 16.91 5.60 1.59
CA ASP A 266 18.19 6.28 1.72
C ASP A 266 18.30 7.22 2.92
N TYR A 267 17.24 7.28 3.75
CA TYR A 267 17.18 8.10 4.97
C TYR A 267 17.22 9.61 4.67
N LYS A 268 17.03 10.02 3.41
CA LYS A 268 17.05 11.44 3.09
C LYS A 268 15.77 12.09 3.59
N PRO A 269 15.85 13.24 4.29
CA PRO A 269 14.65 13.97 4.69
C PRO A 269 13.77 14.35 3.51
N ILE A 270 12.45 14.24 3.68
CA ILE A 270 11.50 14.66 2.66
C ILE A 270 10.83 15.96 3.11
N ALA A 271 10.15 15.91 4.27
CA ALA A 271 9.34 17.02 4.74
C ALA A 271 9.40 17.14 6.25
N THR A 272 9.20 18.38 6.73
CA THR A 272 9.00 18.66 8.14
C THR A 272 7.67 19.39 8.26
N ILE A 273 6.74 18.80 9.01
CA ILE A 273 5.39 19.33 9.09
C ILE A 273 5.15 19.77 10.53
N ASP A 274 4.91 21.07 10.71
CA ASP A 274 4.54 21.60 12.03
C ASP A 274 3.04 21.86 12.03
N VAL A 275 2.29 21.10 12.82
CA VAL A 275 0.83 21.24 12.84
C VAL A 275 0.39 22.25 13.91
N LYS A 276 1.35 22.81 14.68
CA LYS A 276 1.12 23.95 15.59
C LYS A 276 0.23 23.56 16.78
N ARG A 277 0.03 22.26 16.97
CA ARG A 277 -0.71 21.68 18.06
C ARG A 277 0.07 20.44 18.49
N ASN A 278 0.01 20.07 19.75
CA ASN A 278 0.70 18.87 20.19
C ASN A 278 0.03 17.61 19.63
N ILE A 279 0.89 16.67 19.21
CA ILE A 279 0.48 15.44 18.57
C ILE A 279 0.44 14.32 19.59
N PHE A 280 -0.62 13.52 19.53
CA PHE A 280 -0.78 12.36 20.38
C PHE A 280 -0.44 11.07 19.63
N ASP A 281 -0.75 10.99 18.32
CA ASP A 281 -0.50 9.76 17.57
C ASP A 281 -0.63 10.05 16.08
N LEU A 282 -0.13 9.12 15.29
CA LEU A 282 -0.15 9.20 13.84
C LEU A 282 -0.24 7.78 13.28
N CYS A 283 -1.00 7.60 12.20
CA CYS A 283 -1.01 6.31 11.50
C CYS A 283 -1.39 6.50 10.04
N THR A 284 -1.12 5.47 9.23
N THR A 284 -1.16 5.46 9.24
CA THR A 284 -1.55 5.46 7.84
CA THR A 284 -1.57 5.49 7.85
C THR A 284 -2.53 4.30 7.62
C THR A 284 -2.50 4.30 7.60
N ASP A 285 -3.35 4.43 6.58
CA ASP A 285 -4.27 3.36 6.21
C ASP A 285 -3.49 2.23 5.53
N THR A 286 -4.14 1.08 5.33
N THR A 286 -4.16 1.08 5.38
CA THR A 286 -3.43 -0.07 4.80
CA THR A 286 -3.57 -0.09 4.75
C THR A 286 -2.94 0.18 3.36
C THR A 286 -2.91 0.28 3.43
N LYS A 287 -3.62 1.08 2.61
CA LYS A 287 -3.19 1.43 1.25
C LYS A 287 -2.27 2.65 1.20
N ASP A 288 -1.95 3.23 2.36
CA ASP A 288 -0.98 4.33 2.45
C ASP A 288 -1.40 5.56 1.66
N CYS A 289 -2.73 5.72 1.47
N CYS A 289 -2.70 5.76 1.52
CA CYS A 289 -3.31 6.89 0.82
CA CYS A 289 -3.23 6.91 0.83
C CYS A 289 -3.41 8.09 1.77
C CYS A 289 -3.35 8.10 1.78
N TYR A 290 -3.56 7.81 3.07
CA TYR A 290 -3.95 8.81 4.05
C TYR A 290 -3.05 8.77 5.26
N LEU A 291 -3.05 9.88 5.99
CA LEU A 291 -2.43 9.98 7.29
C LEU A 291 -3.48 10.49 8.27
N ALA A 292 -3.66 9.78 9.39
CA ALA A 292 -4.51 10.25 10.46
C ALA A 292 -3.63 10.69 11.61
N VAL A 293 -3.88 11.88 12.12
CA VAL A 293 -3.06 12.44 13.19
C VAL A 293 -3.99 12.92 14.29
N ILE A 294 -3.69 12.55 15.54
CA ILE A 294 -4.44 13.05 16.69
CA ILE A 294 -4.45 13.07 16.67
C ILE A 294 -3.71 14.29 17.21
N GLU A 295 -4.42 15.42 17.29
CA GLU A 295 -3.83 16.70 17.64
C GLU A 295 -4.68 17.35 18.72
N ASN A 296 -4.04 17.94 19.73
CA ASN A 296 -4.77 18.64 20.78
C ASN A 296 -5.07 20.06 20.34
N GLN A 297 -6.36 20.43 20.32
CA GLN A 297 -6.73 21.79 19.95
C GLN A 297 -6.42 22.74 21.08
N GLY A 298 -6.43 22.19 22.30
CA GLY A 298 -6.04 22.91 23.48
C GLY A 298 -4.59 22.64 23.80
N SER A 299 -4.26 22.73 25.09
CA SER A 299 -2.95 22.37 25.59
C SER A 299 -3.07 21.87 27.01
N MET A 300 -2.36 20.80 27.36
CA MET A 300 -2.37 20.30 28.72
C MET A 300 -1.53 21.22 29.63
N ASP A 301 -0.84 22.21 29.03
CA ASP A 301 -0.24 23.28 29.80
C ASP A 301 -1.34 24.11 30.49
N ALA A 302 -2.54 24.13 29.87
CA ALA A 302 -3.70 24.76 30.48
C ALA A 302 -4.72 23.70 30.95
N LEU A 303 -4.28 22.43 31.01
CA LEU A 303 -5.08 21.32 31.49
C LEU A 303 -6.32 21.14 30.62
N ASN A 304 -6.19 21.46 29.32
CA ASN A 304 -7.26 21.31 28.37
C ASN A 304 -6.90 20.20 27.41
N MET A 305 -7.61 19.10 27.54
CA MET A 305 -7.53 17.98 26.61
C MET A 305 -8.76 18.04 25.72
N ASP A 306 -8.57 18.39 24.44
CA ASP A 306 -9.68 18.48 23.51
C ASP A 306 -9.15 18.14 22.12
N THR A 307 -8.96 16.86 21.87
CA THR A 307 -8.26 16.45 20.66
C THR A 307 -9.21 16.30 19.49
N VAL A 308 -8.65 16.45 18.30
CA VAL A 308 -9.28 16.07 17.04
C VAL A 308 -8.44 15.03 16.34
N CYS A 309 -9.09 14.28 15.48
CA CYS A 309 -8.40 13.51 14.45
C CYS A 309 -8.45 14.29 13.16
N ARG A 310 -7.28 14.56 12.60
N ARG A 310 -7.29 14.57 12.60
CA ARG A 310 -7.13 15.20 11.30
CA ARG A 310 -7.22 15.17 11.28
C ARG A 310 -6.71 14.12 10.30
C ARG A 310 -6.73 14.11 10.29
N LEU A 311 -7.46 14.03 9.18
CA LEU A 311 -7.14 13.11 8.11
C LEU A 311 -6.54 13.93 6.97
N TYR A 312 -5.35 13.50 6.49
CA TYR A 312 -4.64 14.15 5.40
C TYR A 312 -4.49 13.14 4.26
N GLU A 313 -4.55 13.60 3.00
CA GLU A 313 -4.16 12.77 1.87
C GLU A 313 -2.68 12.98 1.65
N VAL A 314 -1.93 11.88 1.55
CA VAL A 314 -0.50 11.96 1.32
C VAL A 314 -0.27 12.33 -0.15
N GLY A 315 0.74 13.15 -0.43
CA GLY A 315 0.99 13.63 -1.78
C GLY A 315 1.46 12.51 -2.70
N ALA B 4 -18.79 -16.81 -11.13
CA ALA B 4 -20.00 -16.67 -11.98
C ALA B 4 -19.91 -15.38 -12.80
N PHE B 5 -19.94 -15.54 -14.12
CA PHE B 5 -19.99 -14.43 -15.05
C PHE B 5 -21.13 -14.71 -16.02
N ARG B 6 -22.21 -13.94 -15.87
CA ARG B 6 -23.43 -14.15 -16.62
C ARG B 6 -23.44 -13.19 -17.80
N PRO B 7 -23.29 -13.68 -19.05
CA PRO B 7 -23.30 -12.77 -20.18
C PRO B 7 -24.64 -12.04 -20.27
N ILE B 8 -24.57 -10.76 -20.66
CA ILE B 8 -25.72 -9.88 -20.78
C ILE B 8 -25.98 -9.62 -22.27
N SER B 9 -24.95 -9.13 -22.97
CA SER B 9 -25.11 -8.60 -24.31
C SER B 9 -23.78 -8.35 -24.98
N VAL B 10 -23.81 -8.02 -26.27
CA VAL B 10 -22.62 -7.78 -27.06
C VAL B 10 -22.72 -6.42 -27.76
N PHE B 11 -21.60 -5.69 -27.75
CA PHE B 11 -21.37 -4.54 -28.60
C PHE B 11 -20.52 -4.98 -29.79
N ARG B 12 -20.97 -4.68 -31.00
CA ARG B 12 -20.12 -4.87 -32.16
C ARG B 12 -20.00 -3.57 -32.93
N GLU B 13 -18.95 -3.51 -33.76
CA GLU B 13 -18.69 -2.30 -34.53
C GLU B 13 -19.82 -2.08 -35.50
N ALA B 14 -20.46 -0.92 -35.38
CA ALA B 14 -21.53 -0.55 -36.30
C ALA B 14 -21.00 -0.48 -37.73
N ASN B 15 -21.78 -1.02 -38.67
CA ASN B 15 -21.57 -0.84 -40.11
C ASN B 15 -20.25 -1.47 -40.55
N GLU B 16 -19.87 -2.56 -39.89
CA GLU B 16 -18.76 -3.40 -40.32
C GLU B 16 -19.24 -4.83 -40.37
N ASP B 17 -18.92 -5.54 -41.46
CA ASP B 17 -19.25 -6.95 -41.60
C ASP B 17 -18.60 -7.73 -40.45
N GLU B 18 -17.29 -7.46 -40.24
CA GLU B 18 -16.55 -8.03 -39.13
C GLU B 18 -16.12 -6.89 -38.19
N SER B 19 -16.25 -7.17 -36.89
CA SER B 19 -15.90 -6.23 -35.85
C SER B 19 -14.38 -6.26 -35.63
N GLY B 20 -13.81 -5.12 -35.23
CA GLY B 20 -12.37 -4.95 -35.10
C GLY B 20 -11.94 -4.35 -33.76
N PHE B 21 -12.70 -4.60 -32.68
CA PHE B 21 -12.30 -4.09 -31.38
C PHE B 21 -11.04 -4.80 -30.91
N THR B 22 -10.15 -4.06 -30.22
CA THR B 22 -8.90 -4.63 -29.71
C THR B 22 -8.73 -4.41 -28.21
N CYS B 23 -9.35 -3.39 -27.64
CA CYS B 23 -9.18 -3.11 -26.22
C CYS B 23 -10.36 -2.35 -25.67
N CYS B 24 -10.48 -2.32 -24.34
CA CYS B 24 -11.67 -1.80 -23.68
C CYS B 24 -11.34 -1.15 -22.33
N ALA B 25 -12.09 -0.11 -22.01
CA ALA B 25 -12.16 0.45 -20.67
C ALA B 25 -13.50 1.13 -20.50
N PHE B 26 -14.06 1.06 -19.29
CA PHE B 26 -15.21 1.90 -18.97
C PHE B 26 -14.72 3.34 -18.80
N SER B 27 -15.57 4.31 -19.19
CA SER B 27 -15.32 5.70 -18.89
C SER B 27 -15.35 5.92 -17.38
N ALA B 28 -14.80 7.04 -16.95
CA ALA B 28 -14.61 7.32 -15.51
C ALA B 28 -15.93 7.25 -14.73
N ARG B 29 -17.05 7.67 -15.34
CA ARG B 29 -18.37 7.58 -14.70
C ARG B 29 -19.21 6.45 -15.31
N GLU B 30 -18.58 5.64 -16.18
CA GLU B 30 -19.09 4.38 -16.71
C GLU B 30 -20.43 4.52 -17.45
N ARG B 31 -20.69 5.70 -18.02
CA ARG B 31 -21.80 5.85 -18.94
C ARG B 31 -21.47 5.17 -20.27
N PHE B 32 -20.16 5.11 -20.58
CA PHE B 32 -19.70 4.61 -21.86
C PHE B 32 -18.65 3.53 -21.68
N LEU B 33 -18.59 2.64 -22.67
CA LEU B 33 -17.44 1.81 -22.90
C LEU B 33 -16.62 2.45 -23.99
N MET B 34 -15.32 2.54 -23.73
CA MET B 34 -14.35 3.07 -24.67
C MET B 34 -13.62 1.88 -25.31
N LEU B 35 -13.76 1.73 -26.63
CA LEU B 35 -13.26 0.56 -27.33
C LEU B 35 -12.28 1.00 -28.41
N GLY B 36 -11.02 0.53 -28.30
CA GLY B 36 -10.07 0.78 -29.37
C GLY B 36 -10.24 -0.25 -30.49
N THR B 37 -9.81 0.12 -31.71
CA THR B 37 -10.00 -0.74 -32.87
C THR B 37 -8.69 -1.00 -33.59
N CYS B 38 -8.76 -2.00 -34.47
CA CYS B 38 -7.60 -2.45 -35.23
C CYS B 38 -7.18 -1.45 -36.31
N THR B 39 -8.01 -0.42 -36.56
CA THR B 39 -7.67 0.64 -37.50
C THR B 39 -7.31 1.94 -36.77
N GLY B 40 -7.10 1.87 -35.45
CA GLY B 40 -6.60 3.03 -34.73
C GLY B 40 -7.69 3.99 -34.28
N GLN B 41 -8.95 3.54 -34.27
CA GLN B 41 -10.05 4.37 -33.81
C GLN B 41 -10.33 4.12 -32.33
N LEU B 42 -10.84 5.17 -31.66
CA LEU B 42 -11.46 5.06 -30.35
C LEU B 42 -12.96 5.21 -30.54
N LYS B 43 -13.73 4.16 -30.21
CA LYS B 43 -15.19 4.22 -30.36
C LYS B 43 -15.84 4.19 -28.99
N LEU B 44 -16.81 5.09 -28.79
CA LEU B 44 -17.54 5.19 -27.54
C LEU B 44 -18.91 4.56 -27.73
N TYR B 45 -19.26 3.63 -26.82
CA TYR B 45 -20.55 2.97 -26.83
C TYR B 45 -21.30 3.28 -25.55
N ASN B 46 -22.57 3.68 -25.69
CA ASN B 46 -23.43 3.87 -24.55
C ASN B 46 -23.74 2.52 -23.92
N VAL B 47 -23.42 2.37 -22.62
CA VAL B 47 -23.54 1.07 -21.95
C VAL B 47 -25.01 0.63 -21.87
N PHE B 48 -25.91 1.61 -21.65
CA PHE B 48 -27.33 1.31 -21.45
C PHE B 48 -27.99 0.93 -22.78
N SER B 49 -27.73 1.72 -23.84
CA SER B 49 -28.46 1.61 -25.09
C SER B 49 -27.74 0.68 -26.07
N GLY B 50 -26.42 0.49 -25.88
CA GLY B 50 -25.62 -0.32 -26.79
C GLY B 50 -25.17 0.46 -28.03
N GLN B 51 -25.55 1.75 -28.14
CA GLN B 51 -25.34 2.50 -29.38
C GLN B 51 -23.96 3.15 -29.43
N GLU B 52 -23.35 3.16 -30.62
CA GLU B 52 -22.09 3.85 -30.88
C GLU B 52 -22.35 5.35 -30.91
N GLU B 53 -21.65 6.11 -30.05
CA GLU B 53 -21.88 7.53 -29.87
C GLU B 53 -20.82 8.41 -30.57
N ALA B 54 -19.62 7.85 -30.83
CA ALA B 54 -18.55 8.61 -31.47
C ALA B 54 -17.42 7.67 -31.89
N SER B 55 -16.67 8.11 -32.90
CA SER B 55 -15.50 7.39 -33.38
C SER B 55 -14.39 8.40 -33.65
N TYR B 56 -13.30 8.34 -32.88
CA TYR B 56 -12.23 9.31 -32.97
C TYR B 56 -11.00 8.66 -33.59
N ASN B 57 -10.33 9.40 -34.47
CA ASN B 57 -9.12 8.94 -35.12
C ASN B 57 -7.93 9.19 -34.18
N CYS B 58 -7.40 8.12 -33.57
CA CYS B 58 -6.31 8.27 -32.60
C CYS B 58 -4.94 7.89 -33.17
N HIS B 59 -4.88 6.78 -33.89
CA HIS B 59 -3.61 6.27 -34.41
C HIS B 59 -3.80 5.72 -35.82
N ASN B 60 -2.68 5.56 -36.52
CA ASN B 60 -2.65 4.99 -37.85
C ASN B 60 -2.35 3.49 -37.83
N SER B 61 -2.50 2.85 -36.66
CA SER B 61 -2.34 1.42 -36.53
C SER B 61 -3.25 0.97 -35.39
N ALA B 62 -3.38 -0.33 -35.21
CA ALA B 62 -4.26 -0.92 -34.23
C ALA B 62 -3.94 -0.40 -32.84
N ILE B 63 -4.98 -0.03 -32.08
CA ILE B 63 -4.83 0.30 -30.68
CA ILE B 63 -4.80 0.31 -30.70
C ILE B 63 -4.57 -1.00 -29.92
N THR B 64 -3.55 -0.99 -29.04
CA THR B 64 -3.24 -2.18 -28.24
C THR B 64 -3.84 -2.07 -26.84
N HIS B 65 -3.93 -0.86 -26.28
CA HIS B 65 -4.24 -0.67 -24.88
C HIS B 65 -4.71 0.76 -24.67
N LEU B 66 -5.60 0.96 -23.71
CA LEU B 66 -6.01 2.31 -23.36
C LEU B 66 -6.28 2.38 -21.86
N GLU B 67 -6.20 3.59 -21.31
CA GLU B 67 -6.43 3.80 -19.89
C GLU B 67 -7.03 5.18 -19.65
N PRO B 68 -8.28 5.28 -19.18
CA PRO B 68 -8.84 6.57 -18.76
C PRO B 68 -8.32 6.99 -17.41
N SER B 69 -8.10 8.30 -17.23
CA SER B 69 -7.82 8.85 -15.93
C SER B 69 -9.08 8.77 -15.06
N ARG B 70 -8.89 8.64 -13.74
CA ARG B 70 -10.01 8.48 -12.82
C ARG B 70 -10.93 9.69 -12.84
N ASP B 71 -10.41 10.89 -13.10
CA ASP B 71 -11.19 12.12 -13.00
C ASP B 71 -11.95 12.42 -14.29
N GLY B 72 -11.81 11.56 -15.31
CA GLY B 72 -12.62 11.66 -16.52
C GLY B 72 -12.03 12.62 -17.57
N SER B 73 -10.92 13.30 -17.25
CA SER B 73 -10.40 14.37 -18.08
C SER B 73 -9.44 13.89 -19.17
N LEU B 74 -8.77 12.72 -18.98
CA LEU B 74 -7.65 12.31 -19.84
C LEU B 74 -7.78 10.83 -20.23
N LEU B 75 -7.13 10.49 -21.35
CA LEU B 75 -7.06 9.11 -21.83
C LEU B 75 -5.66 8.85 -22.38
N LEU B 76 -5.09 7.70 -22.01
CA LEU B 76 -3.87 7.20 -22.67
C LEU B 76 -4.26 6.14 -23.69
N THR B 77 -3.58 6.17 -24.85
CA THR B 77 -3.67 5.10 -25.83
C THR B 77 -2.27 4.66 -26.20
N SER B 78 -2.18 3.39 -26.60
N SER B 78 -2.16 3.39 -26.58
CA SER B 78 -0.98 2.83 -27.21
CA SER B 78 -0.96 2.87 -27.21
C SER B 78 -1.39 2.11 -28.48
C SER B 78 -1.36 2.07 -28.45
N ALA B 79 -0.48 2.08 -29.46
CA ALA B 79 -0.76 1.42 -30.73
C ALA B 79 0.37 0.46 -31.09
N THR B 80 0.33 -0.07 -32.31
CA THR B 80 1.15 -1.22 -32.66
C THR B 80 2.44 -0.78 -33.37
N TRP B 81 2.28 0.09 -34.35
CA TRP B 81 3.32 0.45 -35.29
C TRP B 81 3.37 1.96 -35.42
N SER B 82 4.40 2.42 -36.12
CA SER B 82 4.45 3.79 -36.58
C SER B 82 4.56 4.73 -35.39
N GLN B 83 4.09 5.96 -35.58
CA GLN B 83 4.31 7.05 -34.66
C GLN B 83 3.08 7.94 -34.65
N PRO B 84 2.70 8.54 -33.51
CA PRO B 84 3.30 8.24 -32.21
C PRO B 84 2.76 6.91 -31.70
N LEU B 85 3.59 6.16 -31.01
CA LEU B 85 3.21 4.85 -30.51
C LEU B 85 2.19 4.99 -29.39
N SER B 86 2.32 6.05 -28.58
CA SER B 86 1.40 6.28 -27.48
C SER B 86 1.04 7.75 -27.44
N ALA B 87 -0.12 8.06 -26.85
CA ALA B 87 -0.57 9.43 -26.78
C ALA B 87 -1.48 9.64 -25.58
N LEU B 88 -1.59 10.90 -25.21
CA LEU B 88 -2.46 11.40 -24.15
C LEU B 88 -3.51 12.33 -24.78
N TRP B 89 -4.79 12.05 -24.50
CA TRP B 89 -5.92 12.76 -25.10
C TRP B 89 -6.71 13.47 -24.01
N GLY B 90 -7.17 14.70 -24.31
CA GLY B 90 -8.12 15.40 -23.47
C GLY B 90 -9.54 14.99 -23.84
N MET B 91 -10.38 14.76 -22.82
CA MET B 91 -11.73 14.23 -23.02
C MET B 91 -12.80 15.33 -22.89
N LYS B 92 -12.45 16.50 -22.33
CA LYS B 92 -13.43 17.57 -22.06
C LYS B 92 -13.57 18.48 -23.28
N SER B 93 -14.83 18.88 -23.56
CA SER B 93 -15.19 19.92 -24.55
C SER B 93 -14.91 19.46 -25.98
N VAL B 94 -13.63 19.24 -26.30
CA VAL B 94 -13.24 18.66 -27.57
C VAL B 94 -12.29 17.51 -27.28
N PHE B 95 -12.42 16.41 -28.03
CA PHE B 95 -11.46 15.33 -27.98
C PHE B 95 -10.22 15.75 -28.76
N ASP B 96 -9.09 15.88 -28.07
CA ASP B 96 -7.89 16.45 -28.65
C ASP B 96 -6.67 15.73 -28.10
N MET B 97 -5.56 15.75 -28.87
CA MET B 97 -4.30 15.22 -28.39
C MET B 97 -3.59 16.28 -27.54
N LYS B 98 -3.27 15.92 -26.30
N LYS B 98 -3.27 15.91 -26.30
CA LYS B 98 -2.53 16.77 -25.38
CA LYS B 98 -2.54 16.77 -25.39
C LYS B 98 -1.03 16.60 -25.60
C LYS B 98 -1.04 16.60 -25.59
N HIS B 99 -0.57 15.34 -25.62
CA HIS B 99 0.85 15.06 -25.79
C HIS B 99 0.99 13.70 -26.47
N SER B 100 2.14 13.51 -27.11
CA SER B 100 2.45 12.20 -27.65
C SER B 100 3.73 11.68 -27.02
N PHE B 101 3.85 10.36 -27.02
CA PHE B 101 5.01 9.66 -26.50
C PHE B 101 5.49 8.77 -27.63
N THR B 102 6.33 9.33 -28.50
N THR B 102 6.33 9.33 -28.51
CA THR B 102 6.52 8.83 -29.85
CA THR B 102 6.52 8.80 -29.85
C THR B 102 7.06 7.39 -29.84
C THR B 102 7.01 7.35 -29.80
N GLU B 103 8.00 7.07 -28.94
CA GLU B 103 8.70 5.79 -28.95
C GLU B 103 8.27 4.80 -27.88
N ASP B 104 7.31 5.16 -27.03
CA ASP B 104 6.89 4.26 -25.96
C ASP B 104 5.72 3.38 -26.42
N HIS B 105 5.90 2.06 -26.41
N HIS B 105 5.94 2.06 -26.36
CA HIS B 105 4.88 1.16 -26.92
CA HIS B 105 5.00 1.03 -26.80
C HIS B 105 3.80 0.88 -25.88
C HIS B 105 3.84 0.87 -25.81
N TYR B 106 4.06 1.26 -24.63
N TYR B 106 4.11 1.11 -24.53
CA TYR B 106 3.09 1.08 -23.56
CA TYR B 106 3.09 1.04 -23.49
C TYR B 106 3.22 2.27 -22.62
C TYR B 106 3.20 2.30 -22.65
N VAL B 107 2.07 2.73 -22.09
CA VAL B 107 2.01 3.84 -21.16
C VAL B 107 0.97 3.54 -20.09
N GLU B 108 1.23 4.03 -18.87
CA GLU B 108 0.28 4.00 -17.79
C GLU B 108 0.32 5.31 -17.04
N PHE B 109 -0.79 5.68 -16.40
CA PHE B 109 -0.80 6.78 -15.45
C PHE B 109 -0.11 6.37 -14.16
N SER B 110 0.45 7.36 -13.46
CA SER B 110 0.73 7.19 -12.06
C SER B 110 -0.59 6.90 -11.33
N LYS B 111 -0.48 6.38 -10.10
CA LYS B 111 -1.63 5.72 -9.46
C LYS B 111 -2.29 6.57 -8.37
N HIS B 112 -1.54 7.07 -7.39
CA HIS B 112 -2.14 7.80 -6.27
C HIS B 112 -2.58 9.16 -6.79
N SER B 113 -1.60 9.96 -7.17
CA SER B 113 -1.84 11.22 -7.84
C SER B 113 -1.54 11.03 -9.32
N GLN B 114 -2.53 11.26 -10.18
CA GLN B 114 -2.39 10.99 -11.60
C GLN B 114 -1.85 12.22 -12.33
N ASP B 115 -0.61 12.59 -11.98
CA ASP B 115 0.06 13.76 -12.55
C ASP B 115 1.20 13.37 -13.49
N ARG B 116 1.46 12.05 -13.65
CA ARG B 116 2.56 11.58 -14.47
C ARG B 116 2.12 10.42 -15.34
N VAL B 117 2.91 10.17 -16.38
CA VAL B 117 2.77 9.00 -17.23
C VAL B 117 4.10 8.25 -17.20
N ILE B 118 4.04 6.92 -17.13
CA ILE B 118 5.22 6.10 -17.31
C ILE B 118 5.07 5.32 -18.61
N GLY B 119 6.08 5.48 -19.47
CA GLY B 119 6.13 4.78 -20.74
C GLY B 119 7.25 3.76 -20.77
N THR B 120 7.07 2.77 -21.63
CA THR B 120 8.03 1.69 -21.80
C THR B 120 8.49 1.67 -23.24
N LYS B 121 9.82 1.68 -23.42
CA LYS B 121 10.44 1.42 -24.70
C LYS B 121 11.43 0.27 -24.51
N GLY B 122 11.06 -0.93 -24.94
CA GLY B 122 11.92 -2.08 -24.71
C GLY B 122 12.18 -2.25 -23.21
N ASP B 123 13.47 -2.23 -22.83
CA ASP B 123 13.95 -2.41 -21.47
C ASP B 123 13.95 -1.12 -20.63
N ILE B 124 13.53 0.00 -21.24
CA ILE B 124 13.72 1.32 -20.66
C ILE B 124 12.38 1.92 -20.23
N ALA B 125 12.35 2.54 -19.03
CA ALA B 125 11.19 3.30 -18.58
C ALA B 125 11.44 4.81 -18.72
N HIS B 126 10.37 5.53 -19.12
CA HIS B 126 10.37 6.98 -19.23
C HIS B 126 9.21 7.51 -18.39
N ILE B 127 9.47 8.54 -17.57
CA ILE B 127 8.43 9.17 -16.78
C ILE B 127 8.28 10.60 -17.29
N TYR B 128 7.02 10.97 -17.56
CA TYR B 128 6.67 12.26 -18.12
C TYR B 128 5.71 12.99 -17.21
N ASP B 129 5.80 14.32 -17.26
CA ASP B 129 4.83 15.20 -16.62
C ASP B 129 3.60 15.34 -17.53
N ILE B 130 2.40 15.19 -16.96
CA ILE B 130 1.18 15.29 -17.77
C ILE B 130 0.98 16.71 -18.33
N GLN B 131 1.30 17.73 -17.53
CA GLN B 131 0.95 19.08 -17.94
C GLN B 131 1.86 19.55 -19.08
N THR B 132 3.18 19.44 -18.88
CA THR B 132 4.16 19.93 -19.85
C THR B 132 4.41 18.90 -20.93
N GLY B 133 4.24 17.61 -20.61
CA GLY B 133 4.61 16.51 -21.49
C GLY B 133 6.11 16.20 -21.44
N ASN B 134 6.87 16.94 -20.63
CA ASN B 134 8.33 16.81 -20.59
C ASN B 134 8.72 15.48 -19.94
N LYS B 135 9.83 14.91 -20.43
CA LYS B 135 10.42 13.74 -19.80
C LYS B 135 11.15 14.15 -18.51
N LEU B 136 10.69 13.62 -17.37
CA LEU B 136 11.28 13.92 -16.06
C LEU B 136 12.43 12.96 -15.73
N LEU B 137 12.30 11.68 -16.10
CA LEU B 137 13.23 10.63 -15.69
C LEU B 137 13.28 9.55 -16.77
N THR B 138 14.47 8.96 -16.90
CA THR B 138 14.69 7.73 -17.62
C THR B 138 15.26 6.75 -16.62
N LEU B 139 14.63 5.56 -16.54
CA LEU B 139 15.05 4.54 -15.61
C LEU B 139 15.54 3.33 -16.40
N PHE B 140 16.85 3.09 -16.30
CA PHE B 140 17.49 1.96 -16.96
C PHE B 140 18.85 1.79 -16.32
N ASN B 141 19.12 0.56 -15.83
CA ASN B 141 20.42 0.23 -15.29
C ASN B 141 20.89 -1.01 -16.03
N PRO B 142 21.90 -0.91 -16.92
CA PRO B 142 22.29 -2.03 -17.76
C PRO B 142 22.84 -3.25 -17.01
N ASP B 143 23.43 -2.97 -15.81
N ASP B 143 23.37 -3.03 -15.79
CA ASP B 143 23.93 -3.98 -14.90
CA ASP B 143 23.94 -4.12 -15.02
C ASP B 143 22.82 -4.99 -14.58
C ASP B 143 22.84 -4.97 -14.38
N LEU B 144 21.60 -4.45 -14.36
CA LEU B 144 20.51 -5.15 -13.69
C LEU B 144 19.43 -5.61 -14.67
N ALA B 145 19.56 -5.29 -15.95
CA ALA B 145 18.50 -5.60 -16.92
C ALA B 145 18.22 -7.09 -17.01
N ASN B 146 16.93 -7.44 -17.15
CA ASN B 146 16.48 -8.78 -17.44
C ASN B 146 16.11 -8.98 -18.91
N ASN B 147 15.92 -7.90 -19.66
CA ASN B 147 15.58 -7.98 -21.07
C ASN B 147 14.28 -8.77 -21.33
N TYR B 148 13.29 -8.59 -20.46
CA TYR B 148 11.99 -9.21 -20.68
C TYR B 148 11.38 -8.76 -22.01
N LYS B 149 10.91 -9.73 -22.78
CA LYS B 149 10.44 -9.45 -24.14
C LYS B 149 9.14 -8.65 -24.14
N ARG B 150 8.34 -8.76 -23.04
CA ARG B 150 7.06 -8.07 -22.92
C ARG B 150 7.09 -7.14 -21.70
N ASN B 151 8.26 -6.52 -21.46
CA ASN B 151 8.40 -5.56 -20.39
C ASN B 151 7.33 -4.46 -20.46
N CYS B 152 6.80 -4.11 -19.27
N CYS B 152 6.75 -4.13 -19.29
CA CYS B 152 5.86 -3.01 -19.11
CA CYS B 152 5.82 -3.02 -19.15
C CYS B 152 6.08 -2.33 -17.77
C CYS B 152 6.15 -2.37 -17.79
N ALA B 153 6.70 -1.15 -17.82
CA ALA B 153 7.05 -0.41 -16.61
C ALA B 153 5.78 0.11 -15.92
N THR B 154 5.81 0.14 -14.59
CA THR B 154 4.61 0.50 -13.83
C THR B 154 5.00 1.13 -12.50
N PHE B 155 4.18 2.09 -12.05
CA PHE B 155 4.31 2.64 -10.72
C PHE B 155 3.64 1.74 -9.68
N ASN B 156 4.12 1.81 -8.43
CA ASN B 156 3.39 1.21 -7.33
C ASN B 156 2.23 2.14 -6.92
N PRO B 157 1.28 1.66 -6.09
CA PRO B 157 0.14 2.49 -5.71
C PRO B 157 0.46 3.85 -5.12
N THR B 158 1.59 3.99 -4.40
CA THR B 158 1.93 5.28 -3.77
C THR B 158 2.72 6.18 -4.71
N ASP B 159 3.13 5.66 -5.87
CA ASP B 159 3.96 6.34 -6.87
C ASP B 159 5.40 6.56 -6.40
N ASP B 160 5.79 5.96 -5.29
CA ASP B 160 7.15 6.11 -4.78
C ASP B 160 8.13 5.18 -5.51
N LEU B 161 7.60 4.10 -6.06
CA LEU B 161 8.42 3.04 -6.66
C LEU B 161 7.97 2.79 -8.08
N VAL B 162 8.91 2.26 -8.88
CA VAL B 162 8.64 1.75 -10.22
C VAL B 162 9.22 0.33 -10.33
N LEU B 163 8.48 -0.53 -11.00
CA LEU B 163 9.02 -1.81 -11.49
C LEU B 163 9.22 -1.68 -12.98
N ASN B 164 10.47 -1.88 -13.44
CA ASN B 164 10.80 -1.83 -14.84
C ASN B 164 11.74 -3.00 -15.12
N ASP B 165 11.33 -3.90 -15.99
CA ASP B 165 12.18 -5.02 -16.43
C ASP B 165 12.62 -5.84 -15.22
N GLY B 166 11.75 -6.03 -14.24
CA GLY B 166 12.04 -6.84 -13.08
C GLY B 166 12.93 -6.15 -12.06
N VAL B 167 13.23 -4.86 -12.28
CA VAL B 167 14.07 -4.07 -11.37
C VAL B 167 13.18 -3.07 -10.62
N LEU B 168 13.36 -3.02 -9.30
CA LEU B 168 12.63 -2.10 -8.45
C LEU B 168 13.43 -0.82 -8.31
N TRP B 169 12.77 0.32 -8.56
CA TRP B 169 13.38 1.64 -8.52
C TRP B 169 12.72 2.51 -7.49
N ASP B 170 13.53 3.31 -6.79
N ASP B 170 13.54 3.32 -6.82
CA ASP B 170 13.01 4.41 -6.01
CA ASP B 170 13.06 4.41 -6.00
C ASP B 170 12.93 5.64 -6.91
C ASP B 170 12.94 5.64 -6.91
N VAL B 171 11.71 6.14 -7.11
CA VAL B 171 11.48 7.24 -8.04
C VAL B 171 12.10 8.55 -7.53
N ARG B 172 12.08 8.75 -6.21
N ARG B 172 12.11 8.73 -6.21
CA ARG B 172 12.52 10.01 -5.62
CA ARG B 172 12.51 10.00 -5.63
C ARG B 172 14.03 10.18 -5.81
C ARG B 172 14.03 10.19 -5.75
N SER B 173 14.79 9.09 -5.65
CA SER B 173 16.25 9.13 -5.77
C SER B 173 16.71 8.74 -7.18
N ALA B 174 15.79 8.16 -7.98
CA ALA B 174 16.06 7.63 -9.32
C ALA B 174 17.21 6.60 -9.27
N GLN B 175 17.21 5.79 -8.21
CA GLN B 175 18.17 4.72 -8.03
C GLN B 175 17.45 3.37 -7.95
N ALA B 176 18.09 2.34 -8.50
CA ALA B 176 17.58 0.98 -8.38
C ALA B 176 17.78 0.50 -6.93
N ILE B 177 16.72 -0.11 -6.37
CA ILE B 177 16.69 -0.67 -5.02
C ILE B 177 17.08 -2.15 -5.07
N HIS B 178 16.57 -2.88 -6.07
CA HIS B 178 16.72 -4.33 -6.12
C HIS B 178 16.39 -4.88 -7.49
N LYS B 179 17.19 -5.85 -7.94
CA LYS B 179 16.88 -6.63 -9.12
C LYS B 179 16.25 -7.94 -8.70
N PHE B 180 15.04 -8.23 -9.17
CA PHE B 180 14.46 -9.56 -9.07
C PHE B 180 14.97 -10.37 -10.24
N ASP B 181 15.47 -11.59 -9.97
CA ASP B 181 16.07 -12.41 -11.02
C ASP B 181 15.03 -12.97 -12.01
N LYS B 182 15.54 -13.44 -13.15
CA LYS B 182 14.75 -13.76 -14.34
C LYS B 182 14.39 -15.23 -14.36
N PHE B 183 13.09 -15.56 -14.32
CA PHE B 183 12.64 -16.96 -14.35
C PHE B 183 11.63 -17.19 -15.47
N ASN B 184 11.54 -16.26 -16.42
CA ASN B 184 10.74 -16.42 -17.63
C ASN B 184 11.28 -15.42 -18.65
N MET B 185 10.84 -15.53 -19.90
CA MET B 185 11.39 -14.72 -20.97
C MET B 185 10.61 -13.42 -21.20
N ASN B 186 9.36 -13.37 -20.73
CA ASN B 186 8.40 -12.37 -21.23
C ASN B 186 7.89 -11.37 -20.20
N ILE B 187 7.36 -11.87 -19.08
CA ILE B 187 6.60 -11.07 -18.13
C ILE B 187 7.51 -10.40 -17.09
N SER B 188 7.34 -9.06 -16.92
CA SER B 188 8.19 -8.25 -16.05
C SER B 188 7.57 -7.96 -14.68
N GLY B 189 6.25 -8.08 -14.55
CA GLY B 189 5.59 -8.03 -13.24
C GLY B 189 4.87 -6.73 -12.91
N VAL B 190 4.10 -6.80 -11.81
CA VAL B 190 3.27 -5.71 -11.33
C VAL B 190 3.35 -5.64 -9.82
N PHE B 191 2.88 -4.52 -9.27
CA PHE B 191 2.67 -4.38 -7.84
C PHE B 191 1.27 -4.87 -7.45
N HIS B 192 1.18 -5.58 -6.34
CA HIS B 192 -0.11 -5.90 -5.76
C HIS B 192 -0.67 -4.64 -5.12
N PRO B 193 -1.97 -4.36 -5.26
CA PRO B 193 -2.57 -3.20 -4.59
C PRO B 193 -2.54 -3.24 -3.06
N ASN B 194 -2.20 -4.39 -2.47
CA ASN B 194 -2.05 -4.50 -1.00
C ASN B 194 -0.85 -3.70 -0.50
N GLY B 195 0.06 -3.29 -1.41
CA GLY B 195 1.25 -2.53 -1.05
C GLY B 195 2.40 -3.37 -0.50
N LEU B 196 2.23 -4.68 -0.42
CA LEU B 196 3.18 -5.53 0.31
C LEU B 196 3.98 -6.44 -0.60
N GLU B 197 3.50 -6.65 -1.83
CA GLU B 197 4.01 -7.73 -2.65
C GLU B 197 4.18 -7.28 -4.08
N VAL B 198 5.14 -7.95 -4.75
N VAL B 198 5.10 -7.94 -4.79
CA VAL B 198 5.39 -7.83 -6.16
CA VAL B 198 5.20 -7.75 -6.22
C VAL B 198 4.99 -9.17 -6.81
C VAL B 198 5.09 -9.12 -6.90
N ILE B 199 4.31 -9.11 -7.97
CA ILE B 199 3.89 -10.30 -8.68
C ILE B 199 4.65 -10.31 -9.98
N ILE B 200 5.64 -11.22 -10.10
CA ILE B 200 6.44 -11.30 -11.31
C ILE B 200 6.29 -12.69 -11.90
N ASN B 201 5.39 -12.80 -12.90
CA ASN B 201 5.07 -14.08 -13.49
C ASN B 201 4.56 -15.00 -12.38
N THR B 202 5.20 -16.16 -12.17
CA THR B 202 4.74 -17.12 -11.16
C THR B 202 5.29 -16.81 -9.76
N GLU B 203 6.20 -15.85 -9.62
CA GLU B 203 6.81 -15.57 -8.34
C GLU B 203 6.11 -14.42 -7.62
N ILE B 204 5.81 -14.63 -6.33
CA ILE B 204 5.31 -13.57 -5.47
C ILE B 204 6.41 -13.19 -4.51
N TRP B 205 6.89 -11.94 -4.62
CA TRP B 205 7.99 -11.46 -3.79
C TRP B 205 7.49 -10.51 -2.72
N ASP B 206 8.15 -10.53 -1.57
CA ASP B 206 7.94 -9.53 -0.53
C ASP B 206 8.59 -8.24 -1.01
N LEU B 207 7.81 -7.16 -1.10
CA LEU B 207 8.32 -5.90 -1.61
C LEU B 207 9.40 -5.31 -0.71
N ARG B 208 9.29 -5.53 0.60
CA ARG B 208 10.17 -4.88 1.56
C ARG B 208 11.45 -5.67 1.80
N THR B 209 11.36 -7.00 1.94
CA THR B 209 12.53 -7.84 2.26
C THR B 209 13.09 -8.53 1.02
N PHE B 210 12.30 -8.60 -0.07
CA PHE B 210 12.69 -9.21 -1.34
C PHE B 210 12.69 -10.74 -1.25
N HIS B 211 12.26 -11.34 -0.14
CA HIS B 211 12.18 -12.79 -0.07
C HIS B 211 11.01 -13.30 -0.92
N LEU B 212 11.16 -14.52 -1.43
CA LEU B 212 10.08 -15.21 -2.12
C LEU B 212 9.02 -15.61 -1.10
N LEU B 213 7.74 -15.28 -1.40
CA LEU B 213 6.63 -15.64 -0.53
C LEU B 213 5.84 -16.83 -1.07
N HIS B 214 5.60 -16.85 -2.39
CA HIS B 214 4.81 -17.91 -3.01
C HIS B 214 5.24 -18.12 -4.44
N THR B 215 4.92 -19.33 -4.93
CA THR B 215 4.93 -19.68 -6.34
C THR B 215 3.50 -19.96 -6.74
N VAL B 216 3.10 -19.41 -7.88
CA VAL B 216 1.73 -19.54 -8.34
C VAL B 216 1.75 -20.00 -9.79
N PRO B 217 1.78 -21.32 -10.04
CA PRO B 217 1.93 -21.81 -11.41
C PRO B 217 0.94 -21.25 -12.42
N ALA B 218 -0.30 -21.04 -11.97
CA ALA B 218 -1.36 -20.61 -12.88
C ALA B 218 -1.15 -19.19 -13.41
N LEU B 219 -0.22 -18.42 -12.80
CA LEU B 219 0.05 -17.08 -13.25
C LEU B 219 1.08 -17.03 -14.39
N ASP B 220 1.59 -18.17 -14.83
CA ASP B 220 2.61 -18.17 -15.87
C ASP B 220 2.09 -17.47 -17.14
N GLN B 221 2.88 -16.52 -17.62
CA GLN B 221 2.63 -15.76 -18.86
C GLN B 221 1.34 -14.92 -18.77
N CYS B 222 0.88 -14.61 -17.56
CA CYS B 222 -0.37 -13.86 -17.42
C CYS B 222 -0.14 -12.35 -17.27
N ARG B 223 -1.05 -11.61 -17.89
CA ARG B 223 -1.34 -10.25 -17.48
C ARG B 223 -2.48 -10.31 -16.47
N VAL B 224 -2.50 -9.33 -15.55
CA VAL B 224 -3.46 -9.34 -14.47
C VAL B 224 -4.09 -7.96 -14.30
N VAL B 225 -5.28 -7.99 -13.73
CA VAL B 225 -5.94 -6.77 -13.31
C VAL B 225 -6.78 -7.13 -12.09
N PHE B 226 -6.90 -6.19 -11.16
CA PHE B 226 -7.62 -6.41 -9.91
C PHE B 226 -8.99 -5.73 -9.97
N ASN B 227 -9.95 -6.25 -9.20
CA ASN B 227 -11.17 -5.50 -8.94
C ASN B 227 -10.83 -4.26 -8.10
N HIS B 228 -11.79 -3.35 -7.91
CA HIS B 228 -11.47 -2.04 -7.36
C HIS B 228 -11.24 -2.08 -5.85
N THR B 229 -11.74 -3.11 -5.16
CA THR B 229 -11.46 -3.31 -3.75
C THR B 229 -10.18 -4.12 -3.52
N GLY B 230 -9.62 -4.71 -4.58
CA GLY B 230 -8.35 -5.42 -4.48
C GLY B 230 -8.49 -6.79 -3.82
N THR B 231 -9.70 -7.39 -3.90
CA THR B 231 -9.97 -8.70 -3.32
C THR B 231 -9.89 -9.81 -4.37
N VAL B 232 -9.99 -9.47 -5.67
CA VAL B 232 -10.00 -10.47 -6.74
C VAL B 232 -9.03 -10.02 -7.82
N MET B 233 -8.23 -10.98 -8.29
CA MET B 233 -7.32 -10.76 -9.39
C MET B 233 -7.77 -11.58 -10.60
N TYR B 234 -7.85 -10.93 -11.77
CA TYR B 234 -8.10 -11.59 -13.04
C TYR B 234 -6.79 -11.79 -13.76
N GLY B 235 -6.57 -12.98 -14.33
CA GLY B 235 -5.38 -13.25 -15.13
C GLY B 235 -5.73 -13.98 -16.42
N ALA B 236 -5.03 -13.63 -17.49
CA ALA B 236 -5.16 -14.34 -18.75
C ALA B 236 -3.78 -14.57 -19.32
N MET B 237 -3.59 -15.73 -19.92
CA MET B 237 -2.29 -16.16 -20.40
C MET B 237 -2.05 -15.63 -21.80
N LEU B 238 -0.92 -14.98 -22.00
CA LEU B 238 -0.53 -14.55 -23.33
C LEU B 238 -0.47 -15.76 -24.27
N GLN B 239 -0.76 -15.52 -25.55
CA GLN B 239 -0.50 -16.51 -26.58
C GLN B 239 0.99 -16.50 -26.89
N ALA B 240 1.53 -17.68 -27.22
CA ALA B 240 2.91 -17.81 -27.66
C ALA B 240 3.09 -17.05 -28.98
N MET B 251 -1.67 -8.83 -34.73
CA MET B 251 -3.06 -8.94 -35.29
C MET B 251 -3.80 -10.13 -34.68
N LYS B 252 -3.09 -11.24 -34.43
CA LYS B 252 -3.65 -12.38 -33.70
C LYS B 252 -3.86 -11.98 -32.24
N SER B 253 -4.66 -12.77 -31.51
CA SER B 253 -5.10 -12.38 -30.19
C SER B 253 -3.90 -12.36 -29.24
N PRO B 254 -3.83 -11.36 -28.36
CA PRO B 254 -2.79 -11.36 -27.33
C PRO B 254 -2.95 -12.50 -26.33
N PHE B 255 -4.20 -12.93 -26.05
CA PHE B 255 -4.46 -13.95 -25.03
C PHE B 255 -5.10 -15.18 -25.65
N GLY B 256 -5.17 -16.23 -24.84
CA GLY B 256 -5.92 -17.44 -25.17
C GLY B 256 -7.42 -17.26 -24.98
N SER B 257 -8.12 -18.37 -24.78
CA SER B 257 -9.57 -18.38 -24.83
C SER B 257 -10.19 -18.48 -23.43
N SER B 258 -9.36 -18.31 -22.40
N SER B 258 -9.34 -18.33 -22.40
CA SER B 258 -9.85 -18.40 -21.04
CA SER B 258 -9.74 -18.48 -21.01
C SER B 258 -9.16 -17.35 -20.18
C SER B 258 -9.15 -17.34 -20.19
N PHE B 259 -9.84 -16.96 -19.10
CA PHE B 259 -9.22 -16.17 -18.04
C PHE B 259 -9.54 -16.86 -16.72
N ARG B 260 -8.81 -16.50 -15.67
N ARG B 260 -8.77 -16.53 -15.68
CA ARG B 260 -8.99 -17.10 -14.36
CA ARG B 260 -8.94 -17.09 -14.35
C ARG B 260 -9.07 -15.99 -13.32
C ARG B 260 -9.10 -15.96 -13.33
N THR B 261 -9.85 -16.24 -12.26
CA THR B 261 -9.90 -15.34 -11.13
C THR B 261 -9.17 -16.01 -9.98
N PHE B 262 -8.59 -15.17 -9.14
CA PHE B 262 -7.84 -15.58 -7.96
C PHE B 262 -8.25 -14.72 -6.78
N ASN B 263 -8.24 -15.33 -5.58
CA ASN B 263 -8.35 -14.60 -4.34
C ASN B 263 -7.06 -13.79 -4.19
N ALA B 264 -7.17 -12.46 -4.11
CA ALA B 264 -6.01 -11.60 -4.13
C ALA B 264 -5.20 -11.71 -2.83
N THR B 265 -5.81 -12.23 -1.75
CA THR B 265 -5.14 -12.28 -0.47
C THR B 265 -4.25 -13.51 -0.35
N ASP B 266 -4.59 -14.60 -1.05
CA ASP B 266 -3.84 -15.85 -0.89
C ASP B 266 -3.42 -16.45 -2.22
N TYR B 267 -3.78 -15.81 -3.34
CA TYR B 267 -3.41 -16.25 -4.69
C TYR B 267 -4.06 -17.58 -5.07
N LYS B 268 -5.09 -18.02 -4.35
CA LYS B 268 -5.74 -19.27 -4.68
C LYS B 268 -6.78 -19.03 -5.78
N PRO B 269 -6.83 -19.83 -6.84
CA PRO B 269 -7.83 -19.65 -7.88
C PRO B 269 -9.26 -19.76 -7.37
N ILE B 270 -10.14 -18.91 -7.94
CA ILE B 270 -11.57 -18.93 -7.60
C ILE B 270 -12.36 -19.61 -8.72
N ALA B 271 -12.08 -19.24 -9.98
CA ALA B 271 -12.80 -19.78 -11.13
C ALA B 271 -11.93 -19.71 -12.39
N THR B 272 -12.21 -20.63 -13.32
CA THR B 272 -11.66 -20.63 -14.65
C THR B 272 -12.81 -20.43 -15.63
N ILE B 273 -12.72 -19.36 -16.41
CA ILE B 273 -13.78 -19.00 -17.33
C ILE B 273 -13.29 -19.22 -18.75
N ASP B 274 -13.83 -20.27 -19.39
CA ASP B 274 -13.48 -20.63 -20.75
C ASP B 274 -14.54 -20.05 -21.66
N VAL B 275 -14.20 -18.97 -22.38
CA VAL B 275 -15.19 -18.35 -23.25
C VAL B 275 -15.16 -19.00 -24.64
N LYS B 276 -14.15 -19.86 -24.92
CA LYS B 276 -14.08 -20.66 -26.15
C LYS B 276 -13.88 -19.76 -27.38
N ARG B 277 -13.39 -18.55 -27.14
CA ARG B 277 -13.03 -17.58 -28.15
C ARG B 277 -11.80 -16.85 -27.63
N ASN B 278 -10.88 -16.51 -28.53
CA ASN B 278 -9.65 -15.86 -28.10
C ASN B 278 -9.97 -14.45 -27.59
N ILE B 279 -9.24 -14.07 -26.53
CA ILE B 279 -9.49 -12.86 -25.80
C ILE B 279 -8.45 -11.81 -26.17
N PHE B 280 -8.91 -10.57 -26.36
CA PHE B 280 -8.03 -9.44 -26.66
C PHE B 280 -7.80 -8.52 -25.45
N ASP B 281 -8.80 -8.39 -24.57
CA ASP B 281 -8.71 -7.47 -23.43
C ASP B 281 -9.89 -7.76 -22.51
N LEU B 282 -9.79 -7.24 -21.28
CA LEU B 282 -10.94 -7.24 -20.38
C LEU B 282 -10.78 -6.09 -19.41
N CYS B 283 -11.93 -5.66 -18.89
CA CYS B 283 -11.98 -4.59 -17.91
C CYS B 283 -13.24 -4.74 -17.05
N THR B 284 -13.21 -4.10 -15.86
N THR B 284 -13.26 -3.99 -15.95
CA THR B 284 -14.39 -3.99 -14.99
CA THR B 284 -14.41 -3.96 -15.07
C THR B 284 -14.70 -2.51 -14.77
C THR B 284 -14.67 -2.51 -14.67
N ASP B 285 -15.93 -2.24 -14.30
CA ASP B 285 -16.35 -0.90 -13.91
C ASP B 285 -15.92 -0.64 -12.46
N THR B 286 -15.98 0.62 -12.04
CA THR B 286 -15.52 1.02 -10.72
C THR B 286 -16.27 0.24 -9.64
N LYS B 287 -17.57 -0.03 -9.86
CA LYS B 287 -18.39 -0.71 -8.87
C LYS B 287 -18.25 -2.24 -8.95
N ASP B 288 -17.51 -2.71 -9.96
CA ASP B 288 -17.30 -4.14 -10.18
C ASP B 288 -18.62 -4.90 -10.28
N CYS B 289 -19.58 -4.29 -10.98
CA CYS B 289 -20.82 -4.96 -11.34
C CYS B 289 -20.71 -5.65 -12.70
N TYR B 290 -19.82 -5.13 -13.56
CA TYR B 290 -19.73 -5.59 -14.94
C TYR B 290 -18.30 -5.95 -15.30
N LEU B 291 -18.20 -6.92 -16.20
CA LEU B 291 -16.97 -7.27 -16.87
C LEU B 291 -17.22 -7.15 -18.37
N ALA B 292 -16.33 -6.44 -19.06
CA ALA B 292 -16.36 -6.38 -20.51
C ALA B 292 -15.14 -7.10 -21.05
N VAL B 293 -15.36 -7.95 -22.06
CA VAL B 293 -14.29 -8.77 -22.63
C VAL B 293 -14.34 -8.65 -24.14
N ILE B 294 -13.19 -8.38 -24.76
CA ILE B 294 -13.10 -8.39 -26.21
C ILE B 294 -12.79 -9.82 -26.63
N GLU B 295 -13.69 -10.41 -27.44
CA GLU B 295 -13.64 -11.82 -27.81
C GLU B 295 -13.74 -11.97 -29.32
N ASN B 296 -12.94 -12.88 -29.90
CA ASN B 296 -12.99 -13.14 -31.33
C ASN B 296 -14.06 -14.18 -31.64
N GLN B 297 -15.16 -13.74 -32.26
CA GLN B 297 -16.23 -14.61 -32.73
C GLN B 297 -15.83 -15.35 -34.01
N GLY B 298 -14.79 -14.87 -34.71
CA GLY B 298 -14.43 -15.36 -36.04
C GLY B 298 -13.42 -16.50 -36.00
N SER B 299 -12.72 -16.70 -37.13
CA SER B 299 -11.78 -17.80 -37.35
C SER B 299 -11.29 -17.77 -38.81
N MET B 305 -11.37 -12.52 -38.77
CA MET B 305 -11.41 -12.01 -37.37
C MET B 305 -12.64 -11.12 -37.16
N ASP B 306 -13.31 -11.34 -36.04
CA ASP B 306 -14.57 -10.67 -35.74
C ASP B 306 -14.62 -10.42 -34.23
N THR B 307 -13.93 -9.37 -33.78
CA THR B 307 -13.72 -9.16 -32.35
C THR B 307 -14.78 -8.20 -31.80
N VAL B 308 -15.66 -8.76 -30.98
CA VAL B 308 -16.77 -8.05 -30.38
C VAL B 308 -16.48 -7.82 -28.91
N CYS B 309 -17.30 -6.98 -28.26
CA CYS B 309 -17.17 -6.74 -26.83
C CYS B 309 -18.37 -7.37 -26.13
N ARG B 310 -18.14 -8.43 -25.34
CA ARG B 310 -19.20 -9.09 -24.60
C ARG B 310 -19.20 -8.58 -23.15
N LEU B 311 -20.41 -8.18 -22.69
CA LEU B 311 -20.62 -7.64 -21.36
C LEU B 311 -21.21 -8.74 -20.48
N TYR B 312 -20.66 -8.85 -19.27
CA TYR B 312 -21.08 -9.85 -18.29
C TYR B 312 -21.43 -9.19 -16.97
N GLU B 313 -22.41 -9.77 -16.26
CA GLU B 313 -22.67 -9.45 -14.87
C GLU B 313 -21.69 -10.23 -14.01
N VAL B 314 -21.02 -9.53 -13.09
CA VAL B 314 -20.11 -10.16 -12.13
C VAL B 314 -20.97 -10.70 -10.99
N GLY B 315 -20.88 -12.01 -10.74
CA GLY B 315 -21.63 -12.65 -9.68
C GLY B 315 -20.87 -12.65 -8.37
#